data_6JIE
#
_entry.id   6JIE
#
_cell.length_a   28.936
_cell.length_b   34.356
_cell.length_c   42.371
_cell.angle_alpha   90.070
_cell.angle_beta   104.480
_cell.angle_gamma   105.490
#
_symmetry.space_group_name_H-M   'P 1'
#
loop_
_entity.id
_entity.type
_entity.pdbx_description
1 polymer YaeO
2 non-polymer 'MAGNESIUM ION'
3 water water
#
_entity_poly.entity_id   1
_entity_poly.type   'polypeptide(L)'
_entity_poly.pdbx_seq_one_letter_code
;MVSCSQYDYIELACLFHLPVKLTMKSGEVYYGVAADTQRNSQKQECIALRGEEETWLLETDQLSSMEALSEQPHFSVIHF
K
;
_entity_poly.pdbx_strand_id   B,A
#
loop_
_chem_comp.id
_chem_comp.type
_chem_comp.name
_chem_comp.formula
MG non-polymer 'MAGNESIUM ION' 'Mg 2'
#
# COMPACT_ATOMS: atom_id res chain seq x y z
N SER A 5 -22.22 -10.53 13.78
CA SER A 5 -21.49 -11.58 14.48
C SER A 5 -20.04 -11.17 14.78
N GLN A 6 -19.10 -12.00 14.34
CA GLN A 6 -17.68 -11.79 14.60
C GLN A 6 -16.92 -11.65 13.29
N TYR A 7 -16.40 -10.45 13.02
CA TYR A 7 -15.65 -10.20 11.81
C TYR A 7 -14.19 -10.63 11.99
N ASP A 8 -13.64 -11.27 10.97
CA ASP A 8 -12.22 -11.60 10.94
C ASP A 8 -11.53 -10.42 10.25
N TYR A 9 -10.99 -9.50 11.06
CA TYR A 9 -10.41 -8.29 10.47
C TYR A 9 -9.09 -8.58 9.74
N ILE A 10 -8.38 -9.63 10.14
CA ILE A 10 -7.20 -10.06 9.40
C ILE A 10 -7.61 -10.49 7.99
N GLU A 11 -8.63 -11.34 7.91
CA GLU A 11 -9.14 -11.80 6.62
C GLU A 11 -9.61 -10.62 5.78
N LEU A 12 -10.32 -9.68 6.39
CA LEU A 12 -10.83 -8.53 5.65
C LEU A 12 -9.70 -7.64 5.15
N ALA A 13 -8.67 -7.40 5.96
CA ALA A 13 -7.52 -6.63 5.50
C ALA A 13 -6.87 -7.27 4.29
N CYS A 14 -6.74 -8.59 4.28
CA CYS A 14 -6.20 -9.27 3.12
C CYS A 14 -7.14 -9.21 1.93
N LEU A 15 -8.46 -9.38 2.17
CA LEU A 15 -9.43 -9.38 1.07
C LEU A 15 -9.31 -8.10 0.25
N PHE A 16 -9.17 -6.96 0.93
CA PHE A 16 -9.11 -5.65 0.28
C PHE A 16 -7.68 -5.15 0.09
N HIS A 17 -6.67 -5.96 0.42
CA HIS A 17 -5.26 -5.55 0.34
C HIS A 17 -5.03 -4.20 1.01
N LEU A 18 -5.42 -4.14 2.26
CA LEU A 18 -5.35 -2.86 2.95
C LEU A 18 -3.92 -2.57 3.41
N PRO A 19 -3.48 -1.31 3.35
CA PRO A 19 -2.22 -0.95 4.00
C PRO A 19 -2.40 -0.95 5.51
N VAL A 20 -1.51 -1.67 6.20
CA VAL A 20 -1.64 -1.84 7.64
C VAL A 20 -0.28 -1.78 8.33
N LYS A 21 -0.31 -1.36 9.58
CA LYS A 21 0.81 -1.42 10.52
C LYS A 21 0.50 -2.54 11.51
N LEU A 22 1.38 -3.52 11.59
CA LEU A 22 1.21 -4.64 12.50
C LEU A 22 2.22 -4.53 13.62
N THR A 23 1.74 -4.64 14.85
CA THR A 23 2.61 -4.68 16.02
C THR A 23 2.53 -6.07 16.63
N MET A 24 3.70 -6.68 16.86
CA MET A 24 3.76 -8.02 17.42
C MET A 24 3.84 -7.95 18.94
N LYS A 25 3.60 -9.12 19.57
CA LYS A 25 3.67 -9.18 21.02
C LYS A 25 5.08 -8.90 21.52
N SER A 26 6.09 -9.10 20.67
CA SER A 26 7.45 -8.70 20.99
C SER A 26 7.60 -7.20 21.05
N GLY A 27 6.70 -6.47 20.42
CA GLY A 27 6.80 -5.03 20.27
C GLY A 27 7.30 -4.57 18.91
N GLU A 28 7.82 -5.49 18.09
CA GLU A 28 8.30 -5.09 16.77
C GLU A 28 7.14 -4.62 15.91
N VAL A 29 7.38 -3.59 15.11
CA VAL A 29 6.37 -3.03 14.21
C VAL A 29 6.74 -3.34 12.77
N TYR A 30 5.74 -3.72 11.97
CA TYR A 30 5.89 -3.91 10.53
C TYR A 30 4.82 -3.10 9.81
N TYR A 31 5.19 -2.50 8.68
CA TYR A 31 4.26 -1.76 7.83
C TYR A 31 4.20 -2.40 6.44
N GLY A 32 3.01 -2.50 5.85
CA GLY A 32 2.95 -2.90 4.46
C GLY A 32 1.53 -3.12 4.01
N VAL A 33 1.39 -3.92 2.96
CA VAL A 33 0.08 -4.24 2.38
C VAL A 33 -0.28 -5.66 2.79
N ALA A 34 -1.47 -5.81 3.37
CA ALA A 34 -1.97 -7.12 3.77
C ALA A 34 -2.25 -7.96 2.53
N ALA A 35 -1.51 -9.05 2.35
CA ALA A 35 -1.54 -9.80 1.11
C ALA A 35 -2.45 -11.02 1.19
N ASP A 36 -2.26 -11.87 2.20
CA ASP A 36 -3.00 -13.12 2.25
C ASP A 36 -2.79 -13.73 3.62
N THR A 37 -3.64 -14.69 3.95
CA THR A 37 -3.43 -15.53 5.10
C THR A 37 -2.95 -16.88 4.59
N GLN A 38 -1.92 -17.43 5.24
CA GLN A 38 -1.42 -18.73 4.84
C GLN A 38 -0.66 -19.29 6.03
N ARG A 39 -0.35 -20.59 5.95
CA ARG A 39 0.50 -21.20 6.96
C ARG A 39 1.96 -21.12 6.52
N ASN A 40 2.85 -20.90 7.49
CA ASN A 40 4.28 -20.90 7.21
C ASN A 40 4.77 -22.34 7.16
N SER A 41 6.10 -22.53 7.03
CA SER A 41 6.65 -23.88 6.92
C SER A 41 6.47 -24.68 8.19
N GLN A 42 6.28 -24.01 9.33
CA GLN A 42 5.99 -24.64 10.60
C GLN A 42 4.51 -24.93 10.79
N LYS A 43 3.69 -24.64 9.78
CA LYS A 43 2.24 -24.87 9.78
C LYS A 43 1.51 -23.96 10.75
N GLN A 44 2.11 -22.82 11.07
CA GLN A 44 1.48 -21.80 11.91
C GLN A 44 0.71 -20.83 11.04
N GLU A 45 -0.46 -20.40 11.51
CA GLU A 45 -1.27 -19.46 10.75
C GLU A 45 -0.58 -18.11 10.70
N CYS A 46 -0.48 -17.53 9.51
CA CYS A 46 0.23 -16.27 9.33
C CYS A 46 -0.59 -15.33 8.45
N ILE A 47 -0.30 -14.05 8.60
CA ILE A 47 -0.67 -13.07 7.57
C ILE A 47 0.59 -12.78 6.76
N ALA A 48 0.45 -12.78 5.43
CA ALA A 48 1.52 -12.38 4.55
C ALA A 48 1.45 -10.87 4.38
N LEU A 49 2.49 -10.17 4.79
CA LEU A 49 2.52 -8.71 4.77
C LEU A 49 3.61 -8.29 3.80
N ARG A 50 3.22 -7.61 2.73
CA ARG A 50 4.18 -7.15 1.72
C ARG A 50 4.71 -5.80 2.17
N GLY A 51 5.94 -5.78 2.69
CA GLY A 51 6.57 -4.56 3.11
C GLY A 51 7.32 -3.86 1.98
N GLU A 52 8.05 -2.80 2.37
CA GLU A 52 8.71 -1.97 1.37
C GLU A 52 9.72 -2.77 0.58
N GLU A 53 10.48 -3.64 1.26
CA GLU A 53 11.58 -4.35 0.62
C GLU A 53 11.41 -5.85 0.58
N GLU A 54 10.50 -6.40 1.37
CA GLU A 54 10.34 -7.85 1.49
C GLU A 54 8.93 -8.15 2.00
N THR A 55 8.57 -9.43 1.89
CA THR A 55 7.30 -9.93 2.38
C THR A 55 7.57 -10.82 3.59
N TRP A 56 6.80 -10.60 4.65
CA TRP A 56 6.93 -11.35 5.90
C TRP A 56 5.71 -12.25 6.09
N LEU A 57 5.95 -13.45 6.64
CA LEU A 57 4.87 -14.29 7.15
C LEU A 57 4.89 -14.16 8.66
N LEU A 58 3.92 -13.41 9.18
CA LEU A 58 3.85 -13.05 10.58
C LEU A 58 2.74 -13.84 11.25
N GLU A 59 3.09 -14.52 12.35
CA GLU A 59 2.15 -15.42 13.00
C GLU A 59 0.99 -14.64 13.59
N THR A 60 -0.24 -15.02 13.22
CA THR A 60 -1.38 -14.30 13.74
C THR A 60 -1.49 -14.44 15.25
N ASP A 61 -1.07 -15.59 15.82
CA ASP A 61 -1.07 -15.75 17.28
C ASP A 61 -0.11 -14.77 17.95
N GLN A 62 0.82 -14.19 17.21
CA GLN A 62 1.78 -13.26 17.78
C GLN A 62 1.43 -11.80 17.51
N LEU A 63 0.27 -11.53 16.94
CA LEU A 63 -0.12 -10.14 16.67
C LEU A 63 -0.63 -9.50 17.95
N SER A 64 -0.15 -8.28 18.21
CA SER A 64 -0.70 -7.46 19.29
C SER A 64 -1.73 -6.46 18.77
N SER A 65 -1.50 -5.85 17.62
CA SER A 65 -2.46 -4.89 17.08
C SER A 65 -2.27 -4.79 15.58
N MET A 66 -3.34 -4.38 14.90
CA MET A 66 -3.32 -4.05 13.48
C MET A 66 -3.92 -2.66 13.32
N GLU A 67 -3.19 -1.77 12.66
CA GLU A 67 -3.60 -0.37 12.50
C GLU A 67 -3.76 -0.06 11.01
N ALA A 68 -4.89 0.53 10.65
CA ALA A 68 -5.10 0.98 9.27
C ALA A 68 -4.16 2.11 8.91
N LEU A 69 -3.53 2.02 7.74
CA LEU A 69 -2.73 3.13 7.21
C LEU A 69 -3.46 3.89 6.10
N SER A 70 -4.73 3.62 5.90
CA SER A 70 -5.54 4.40 4.98
C SER A 70 -6.91 4.63 5.59
N GLU A 71 -7.63 5.57 4.99
CA GLU A 71 -9.01 5.83 5.38
C GLU A 71 -9.89 4.75 4.78
N GLN A 72 -10.57 4.00 5.63
CA GLN A 72 -11.57 3.03 5.19
C GLN A 72 -12.53 2.79 6.34
N PRO A 73 -13.72 2.28 6.07
CA PRO A 73 -14.77 2.21 7.10
C PRO A 73 -14.65 1.03 8.04
N HIS A 74 -13.62 0.20 7.91
CA HIS A 74 -13.63 -1.09 8.61
C HIS A 74 -12.97 -1.02 9.97
N PHE A 75 -11.79 -0.40 10.06
CA PHE A 75 -11.12 -0.28 11.34
C PHE A 75 -10.11 0.86 11.30
N SER A 76 -9.80 1.36 12.50
CA SER A 76 -8.63 2.19 12.73
C SER A 76 -7.55 1.33 13.38
N VAL A 77 -7.64 1.12 14.69
CA VAL A 77 -6.72 0.23 15.42
C VAL A 77 -7.51 -0.93 16.02
N ILE A 78 -7.06 -2.15 15.71
CA ILE A 78 -7.60 -3.38 16.25
C ILE A 78 -6.57 -3.92 17.23
N HIS A 79 -7.00 -4.21 18.45
CA HIS A 79 -6.14 -4.82 19.45
C HIS A 79 -6.56 -6.27 19.66
N PHE A 80 -5.61 -7.18 19.56
CA PHE A 80 -5.88 -8.61 19.68
C PHE A 80 -5.63 -9.12 21.09
N LYS A 81 -6.42 -10.12 21.48
CA LYS A 81 -6.20 -10.97 22.66
C LYS A 81 -5.34 -10.36 23.78
N SER B 5 -8.74 -10.62 -5.72
CA SER B 5 -8.49 -9.28 -5.20
C SER B 5 -7.53 -8.51 -6.09
N GLN B 6 -7.48 -7.19 -5.94
CA GLN B 6 -6.67 -6.33 -6.79
C GLN B 6 -5.96 -5.28 -5.94
N TYR B 7 -4.69 -5.03 -6.26
CA TYR B 7 -3.88 -4.06 -5.51
C TYR B 7 -4.05 -2.65 -6.06
N ASP B 8 -4.03 -1.67 -5.15
CA ASP B 8 -3.98 -0.26 -5.53
C ASP B 8 -2.52 0.16 -5.58
N TYR B 9 -1.93 0.15 -6.78
CA TYR B 9 -0.51 0.44 -6.87
C TYR B 9 -0.20 1.92 -6.68
N ILE B 10 -1.18 2.79 -6.95
CA ILE B 10 -0.98 4.21 -6.62
C ILE B 10 -0.89 4.39 -5.12
N GLU B 11 -1.81 3.75 -4.39
CA GLU B 11 -1.79 3.80 -2.92
C GLU B 11 -0.49 3.24 -2.38
N LEU B 12 -0.08 2.07 -2.91
CA LEU B 12 1.14 1.42 -2.46
C LEU B 12 2.39 2.26 -2.74
N ALA B 13 2.44 2.89 -3.92
CA ALA B 13 3.58 3.76 -4.24
C ALA B 13 3.69 4.90 -3.23
N CYS B 14 2.55 5.48 -2.86
CA CYS B 14 2.57 6.57 -1.88
C CYS B 14 2.92 6.07 -0.49
N LEU B 15 2.40 4.88 -0.12
CA LEU B 15 2.67 4.28 1.18
C LEU B 15 4.17 4.15 1.44
N PHE B 16 4.91 3.71 0.44
CA PHE B 16 6.34 3.47 0.56
C PHE B 16 7.18 4.62 -0.01
N HIS B 17 6.53 5.69 -0.44
CA HIS B 17 7.16 6.84 -1.10
C HIS B 17 8.15 6.39 -2.17
N LEU B 18 7.64 5.60 -3.10
CA LEU B 18 8.49 5.05 -4.15
C LEU B 18 8.87 6.13 -5.16
N PRO B 19 10.12 6.13 -5.63
CA PRO B 19 10.46 6.95 -6.80
C PRO B 19 9.86 6.35 -8.06
N VAL B 20 9.14 7.18 -8.83
CA VAL B 20 8.38 6.71 -9.98
C VAL B 20 8.47 7.70 -11.13
N LYS B 21 8.36 7.16 -12.34
CA LYS B 21 8.18 7.93 -13.56
C LYS B 21 6.74 7.74 -14.00
N LEU B 22 5.99 8.86 -14.06
CA LEU B 22 4.59 8.85 -14.45
C LEU B 22 4.45 9.38 -15.86
N THR B 23 3.80 8.62 -16.72
CA THR B 23 3.46 9.06 -18.07
C THR B 23 1.95 9.29 -18.13
N MET B 24 1.55 10.50 -18.54
CA MET B 24 0.14 10.82 -18.65
C MET B 24 -0.40 10.41 -20.02
N LYS B 25 -1.73 10.42 -20.13
CA LYS B 25 -2.36 10.07 -21.38
C LYS B 25 -2.03 11.08 -22.47
N SER B 26 -1.69 12.31 -22.08
CA SER B 26 -1.16 13.31 -23.00
C SER B 26 0.19 12.91 -23.58
N GLY B 27 0.92 12.01 -22.92
CA GLY B 27 2.29 11.72 -23.25
C GLY B 27 3.30 12.46 -22.41
N GLU B 28 2.87 13.45 -21.63
CA GLU B 28 3.80 14.13 -20.74
C GLU B 28 4.35 13.17 -19.69
N VAL B 29 5.62 13.35 -19.33
CA VAL B 29 6.31 12.49 -18.37
C VAL B 29 6.75 13.32 -17.18
N TYR B 30 6.57 12.76 -15.98
CA TYR B 30 7.00 13.39 -14.74
C TYR B 30 7.80 12.38 -13.93
N TYR B 31 8.89 12.83 -13.30
CA TYR B 31 9.69 11.99 -12.41
C TYR B 31 9.64 12.55 -10.99
N GLY B 32 9.50 11.68 -9.99
CA GLY B 32 9.67 12.13 -8.62
C GLY B 32 9.29 11.03 -7.64
N VAL B 33 8.96 11.46 -6.42
CA VAL B 33 8.64 10.56 -5.32
C VAL B 33 7.15 10.60 -5.09
N ALA B 34 6.53 9.42 -5.03
CA ALA B 34 5.09 9.33 -4.79
C ALA B 34 4.80 9.73 -3.34
N ALA B 35 4.05 10.81 -3.15
CA ALA B 35 3.86 11.39 -1.82
C ALA B 35 2.53 11.01 -1.17
N ASP B 36 1.43 11.20 -1.88
CA ASP B 36 0.14 11.09 -1.23
C ASP B 36 -0.93 11.02 -2.31
N THR B 37 -2.09 10.54 -1.92
CA THR B 37 -3.29 10.61 -2.75
C THR B 37 -4.21 11.67 -2.16
N GLN B 38 -4.74 12.53 -3.01
CA GLN B 38 -5.65 13.56 -2.52
C GLN B 38 -6.45 14.06 -3.72
N ARG B 39 -7.53 14.75 -3.41
CA ARG B 39 -8.32 15.41 -4.44
C ARG B 39 -7.74 16.79 -4.70
N ASN B 40 -7.78 17.21 -5.96
CA ASN B 40 -7.39 18.58 -6.30
C ASN B 40 -8.58 19.49 -6.03
N SER B 41 -8.44 20.78 -6.37
CA SER B 41 -9.48 21.76 -6.06
C SER B 41 -10.76 21.49 -6.84
N GLN B 42 -10.65 20.79 -7.96
CA GLN B 42 -11.79 20.39 -8.78
C GLN B 42 -12.42 19.08 -8.33
N LYS B 43 -11.94 18.53 -7.19
CA LYS B 43 -12.43 17.31 -6.55
C LYS B 43 -12.08 16.06 -7.35
N GLN B 44 -11.06 16.14 -8.19
CA GLN B 44 -10.59 14.99 -8.96
C GLN B 44 -9.55 14.23 -8.17
N GLU B 45 -9.60 12.90 -8.20
CA GLU B 45 -8.61 12.13 -7.46
C GLU B 45 -7.26 12.27 -8.14
N CYS B 46 -6.23 12.55 -7.34
CA CYS B 46 -4.88 12.78 -7.84
C CYS B 46 -3.86 12.00 -7.03
N ILE B 47 -2.69 11.81 -7.62
CA ILE B 47 -1.48 11.48 -6.88
C ILE B 47 -0.65 12.74 -6.78
N ALA B 48 -0.18 13.02 -5.56
CA ALA B 48 0.80 14.09 -5.35
C ALA B 48 2.18 13.50 -5.60
N LEU B 49 2.85 14.01 -6.63
CA LEU B 49 4.18 13.57 -7.01
C LEU B 49 5.17 14.68 -6.69
N ARG B 50 6.10 14.41 -5.79
CA ARG B 50 7.11 15.40 -5.41
C ARG B 50 8.23 15.36 -6.43
N GLY B 51 8.29 16.38 -7.29
CA GLY B 51 9.34 16.48 -8.26
C GLY B 51 10.56 17.20 -7.70
N GLU B 52 11.55 17.37 -8.58
CA GLU B 52 12.82 17.96 -8.16
C GLU B 52 12.61 19.36 -7.59
N GLU B 53 11.77 20.17 -8.24
CA GLU B 53 11.59 21.55 -7.83
C GLU B 53 10.18 21.88 -7.39
N GLU B 54 9.24 20.98 -7.61
CA GLU B 54 7.87 21.24 -7.19
C GLU B 54 7.06 19.95 -7.09
N THR B 55 5.88 20.08 -6.54
CA THR B 55 4.99 18.93 -6.39
C THR B 55 3.79 19.12 -7.30
N TRP B 56 3.44 18.08 -8.03
CA TRP B 56 2.30 18.13 -8.95
C TRP B 56 1.17 17.26 -8.42
N LEU B 57 -0.06 17.75 -8.58
CA LEU B 57 -1.27 16.96 -8.36
C LEU B 57 -1.72 16.45 -9.72
N LEU B 58 -1.43 15.19 -9.98
CA LEU B 58 -1.68 14.58 -11.29
C LEU B 58 -2.90 13.69 -11.20
N GLU B 59 -3.86 13.91 -12.09
CA GLU B 59 -5.11 13.16 -12.01
C GLU B 59 -4.87 11.67 -12.27
N THR B 60 -5.37 10.82 -11.37
CA THR B 60 -5.21 9.39 -11.58
C THR B 60 -5.95 8.93 -12.83
N ASP B 61 -7.09 9.56 -13.17
CA ASP B 61 -7.80 9.24 -14.42
C ASP B 61 -6.95 9.52 -15.65
N GLN B 62 -5.92 10.36 -15.53
CA GLN B 62 -5.11 10.75 -16.68
C GLN B 62 -3.79 10.00 -16.74
N LEU B 63 -3.57 9.06 -15.83
CA LEU B 63 -2.34 8.28 -15.84
C LEU B 63 -2.39 7.24 -16.94
N SER B 64 -1.29 7.12 -17.69
CA SER B 64 -1.11 6.03 -18.64
C SER B 64 -0.25 4.91 -18.06
N SER B 65 0.88 5.27 -17.44
CA SER B 65 1.76 4.27 -16.84
C SER B 65 2.52 4.89 -15.68
N MET B 66 2.93 4.01 -14.76
CA MET B 66 3.79 4.34 -13.62
C MET B 66 4.94 3.35 -13.68
N GLU B 67 6.17 3.85 -13.84
CA GLU B 67 7.35 3.01 -13.89
C GLU B 67 8.19 3.22 -12.65
N ALA B 68 8.71 2.12 -12.11
CA ALA B 68 9.57 2.20 -10.93
C ALA B 68 10.93 2.79 -11.30
N LEU B 69 11.42 3.70 -10.47
CA LEU B 69 12.77 4.20 -10.59
C LEU B 69 13.71 3.56 -9.59
N SER B 70 13.22 2.60 -8.81
CA SER B 70 14.05 1.83 -7.90
C SER B 70 13.68 0.37 -8.00
N GLU B 71 14.65 -0.50 -7.72
CA GLU B 71 14.37 -1.92 -7.71
C GLU B 71 13.62 -2.26 -6.42
N GLN B 72 12.40 -2.77 -6.54
CA GLN B 72 11.62 -3.13 -5.37
C GLN B 72 10.67 -4.25 -5.74
N PRO B 73 10.11 -4.98 -4.75
CA PRO B 73 9.35 -6.19 -5.07
C PRO B 73 7.87 -5.97 -5.32
N HIS B 74 7.48 -4.76 -5.71
CA HIS B 74 6.07 -4.46 -5.95
C HIS B 74 5.73 -4.35 -7.43
N PHE B 75 6.53 -3.62 -8.19
CA PHE B 75 6.29 -3.50 -9.62
C PHE B 75 7.52 -2.90 -10.28
N SER B 76 7.71 -3.24 -11.57
CA SER B 76 8.55 -2.44 -12.45
C SER B 76 7.74 -1.43 -13.23
N VAL B 77 6.54 -1.80 -13.66
CA VAL B 77 5.66 -0.88 -14.38
C VAL B 77 4.21 -1.28 -14.09
N ILE B 78 3.33 -0.29 -14.02
CA ILE B 78 1.88 -0.48 -13.96
C ILE B 78 1.28 0.31 -15.10
N HIS B 79 0.50 -0.36 -15.95
CA HIS B 79 -0.20 0.30 -17.04
C HIS B 79 -1.66 0.51 -16.66
N PHE B 80 -2.18 1.71 -16.91
CA PHE B 80 -3.58 2.03 -16.64
C PHE B 80 -4.35 2.12 -17.95
N LYS B 81 -5.60 1.63 -17.91
CA LYS B 81 -6.53 1.66 -19.03
C LYS B 81 -6.11 0.72 -20.16
MG MG C . 0.68 -20.31 17.68
MG MG D . 12.20 4.04 1.05
MG MG E . -11.73 12.28 -14.01
MG MG F . 18.87 19.24 -11.08
#